data_6KA5
#
_entry.id   6KA5
#
_cell.length_a   133.092
_cell.length_b   60.340
_cell.length_c   56.490
_cell.angle_alpha   90.000
_cell.angle_beta   111.930
_cell.angle_gamma   90.000
#
_symmetry.space_group_name_H-M   'C 1 2 1'
#
loop_
_entity.id
_entity.type
_entity.pdbx_description
1 polymer Beta-lactamase
2 non-polymer '(2R)-2-{(1S)-1-methoxy-2-oxo-1-[(thiophen-2-ylacetyl)amino]ethyl}-5-methylidene-5,6-dihydro-2H-1,3-thiazine-4-carboxylic acid'
3 water water
#
_entity_poly.entity_id   1
_entity_poly.type   'polypeptide(L)'
_entity_poly.pdbx_seq_one_letter_code
;MHHHHHHANIDESKIKDTVDDLIQPLMQKNNIPGMSVAVTVNGKNYIYNYGLAAKQPQQPVTENTLFEVGSLSKTFAATL
ASYAQVSGKLSLDQSVSHYVPELRGSSFDHVSVLNVGTHTSGLQLFMPEDIKNTTQLMAYLKAWKPADAAGTHRVYSNIG
TGLLGMIAAKSLGVSYEDAIEKTLLPQLGMHHSYLKVPADQMENYAWGYNKKDEPVHVNMEILGNEAYGIKTTSSDLLRY
VQANMGQLKLDANAKMQQALTATHTGYFKSGEITQDLMWEQLPYPVSLPNLLTGNDMAMTKSVATPIVPPLPPQENVWIN
KTGSTNGFGAYIAFVPAKKMGIVMLANKNYSIDQRVTVAYKILSSLEGNK
;
_entity_poly.pdbx_strand_id   A
#
# COMPACT_ATOMS: atom_id res chain seq x y z
N ILE A 10 26.94 6.73 16.46
CA ILE A 10 27.56 7.51 15.40
C ILE A 10 26.90 7.18 14.05
N ASP A 11 26.44 5.94 13.85
CA ASP A 11 25.67 5.64 12.64
C ASP A 11 24.39 6.47 12.57
N GLU A 12 23.80 6.83 13.71
CA GLU A 12 22.61 7.68 13.73
C GLU A 12 22.89 9.05 13.11
N SER A 13 24.00 9.68 13.49
CA SER A 13 24.31 11.00 12.93
C SER A 13 24.58 10.91 11.45
N LYS A 14 25.22 9.82 11.01
CA LYS A 14 25.52 9.66 9.60
C LYS A 14 24.23 9.46 8.80
N ILE A 15 23.31 8.67 9.32
CA ILE A 15 22.03 8.48 8.62
C ILE A 15 21.27 9.80 8.56
N LYS A 16 21.26 10.55 9.67
CA LYS A 16 20.54 11.82 9.67
C LYS A 16 21.13 12.77 8.64
N ASP A 17 22.47 12.80 8.52
CA ASP A 17 23.07 13.65 7.49
C ASP A 17 22.63 13.25 6.09
N THR A 18 22.63 11.95 5.81
CA THR A 18 22.22 11.48 4.49
C THR A 18 20.78 11.89 4.19
N VAL A 19 19.88 11.65 5.15
CA VAL A 19 18.46 11.93 4.94
C VAL A 19 18.23 13.43 4.82
N ASP A 20 18.77 14.22 5.78
CA ASP A 20 18.64 15.68 5.71
C ASP A 20 19.07 16.22 4.35
N ASP A 21 20.21 15.76 3.84
CA ASP A 21 20.78 16.34 2.64
C ASP A 21 19.97 15.99 1.40
N LEU A 22 19.17 14.92 1.45
CA LEU A 22 18.30 14.62 0.33
C LEU A 22 16.92 15.23 0.51
N ILE A 23 16.40 15.23 1.73
CA ILE A 23 15.00 15.63 1.93
C ILE A 23 14.84 17.15 1.87
N GLN A 24 15.78 17.91 2.41
CA GLN A 24 15.57 19.37 2.41
C GLN A 24 15.55 19.94 1.00
N PRO A 25 16.45 19.59 0.09
CA PRO A 25 16.33 20.10 -1.28
C PRO A 25 15.09 19.57 -2.00
N LEU A 26 14.68 18.32 -1.71
CA LEU A 26 13.46 17.74 -2.27
C LEU A 26 12.23 18.56 -1.88
N MET A 27 12.15 18.93 -0.61
CA MET A 27 11.01 19.71 -0.15
C MET A 27 11.02 21.11 -0.72
N GLN A 28 12.21 21.71 -0.84
CA GLN A 28 12.32 23.05 -1.40
C GLN A 28 11.85 23.06 -2.86
N LYS A 29 12.38 22.17 -3.67
CA LYS A 29 12.10 22.31 -5.10
C LYS A 29 10.68 21.87 -5.47
N ASN A 30 10.06 21.00 -4.69
CA ASN A 30 8.69 20.54 -4.94
C ASN A 30 7.65 21.29 -4.11
N ASN A 31 8.08 22.24 -3.28
CA ASN A 31 7.20 23.00 -2.40
C ASN A 31 6.36 22.06 -1.51
N ILE A 32 7.02 21.07 -0.94
CA ILE A 32 6.37 20.14 -0.01
C ILE A 32 6.37 20.73 1.39
N PRO A 33 5.21 20.94 2.02
CA PRO A 33 5.22 21.59 3.33
C PRO A 33 5.83 20.74 4.43
N GLY A 34 5.52 19.45 4.47
CA GLY A 34 5.93 18.62 5.59
C GLY A 34 6.22 17.20 5.15
N MET A 35 7.19 16.58 5.82
CA MET A 35 7.55 15.19 5.55
C MET A 35 7.94 14.50 6.84
N SER A 36 7.76 13.19 6.86
CA SER A 36 8.42 12.35 7.85
C SER A 36 9.09 11.20 7.13
N VAL A 37 10.31 10.89 7.51
CA VAL A 37 11.07 9.80 6.94
C VAL A 37 11.48 8.87 8.07
N ALA A 38 11.10 7.61 7.97
CA ALA A 38 11.43 6.62 8.99
C ALA A 38 12.32 5.54 8.36
N VAL A 39 13.45 5.22 9.00
CA VAL A 39 14.40 4.24 8.49
C VAL A 39 14.65 3.18 9.56
N THR A 40 14.70 1.91 9.16
CA THR A 40 15.10 0.85 10.09
C THR A 40 16.31 0.12 9.52
N VAL A 41 17.32 -0.08 10.37
CA VAL A 41 18.47 -0.90 10.00
C VAL A 41 19.12 -1.43 11.28
N ASN A 42 19.72 -2.61 11.21
CA ASN A 42 20.43 -3.22 12.35
C ASN A 42 19.56 -3.27 13.60
N GLY A 43 18.25 -3.48 13.42
CA GLY A 43 17.31 -3.52 14.52
C GLY A 43 17.00 -2.20 15.18
N LYS A 44 17.44 -1.09 14.62
CA LYS A 44 17.23 0.22 15.23
C LYS A 44 16.38 1.08 14.31
N ASN A 45 15.64 2.03 14.90
CA ASN A 45 14.67 2.82 14.17
C ASN A 45 15.03 4.30 14.29
N TYR A 46 14.94 4.99 13.16
CA TYR A 46 15.28 6.40 13.09
C TYR A 46 14.13 7.13 12.42
N ILE A 47 13.62 8.17 13.08
CA ILE A 47 12.49 8.93 12.57
C ILE A 47 12.93 10.38 12.43
N TYR A 48 12.76 10.95 11.24
CA TYR A 48 13.12 12.33 10.98
C TYR A 48 11.91 13.10 10.49
N ASN A 49 11.61 14.23 11.13
CA ASN A 49 10.45 15.03 10.79
C ASN A 49 10.89 16.39 10.24
N TYR A 50 10.16 16.88 9.24
CA TYR A 50 10.55 18.11 8.55
C TYR A 50 9.33 18.97 8.31
N GLY A 51 9.43 20.27 8.60
CA GLY A 51 8.43 21.18 8.08
C GLY A 51 7.08 21.11 8.81
N LEU A 52 6.03 21.40 8.04
CA LEU A 52 4.70 21.73 8.57
C LEU A 52 3.66 20.68 8.18
N ALA A 53 2.88 20.26 9.15
CA ALA A 53 1.69 19.46 8.88
C ALA A 53 0.54 20.30 8.36
N ALA A 54 0.50 21.57 8.74
CA ALA A 54 -0.53 22.50 8.29
C ALA A 54 0.09 23.88 8.23
N LYS A 55 -0.34 24.67 7.26
CA LYS A 55 0.25 25.99 7.07
C LYS A 55 -0.42 27.07 7.90
N GLN A 56 -1.74 27.00 8.05
CA GLN A 56 -2.51 28.11 8.60
C GLN A 56 -3.76 27.57 9.29
N PRO A 57 -3.82 27.57 10.62
CA PRO A 57 -2.72 27.92 11.53
C PRO A 57 -1.57 26.93 11.42
N GLN A 58 -0.35 27.43 11.55
CA GLN A 58 0.84 26.61 11.37
C GLN A 58 0.93 25.52 12.44
N GLN A 59 1.25 24.29 12.01
CA GLN A 59 1.49 23.16 12.94
C GLN A 59 2.67 22.35 12.39
N PRO A 60 3.65 22.03 13.23
CA PRO A 60 4.81 21.27 12.76
C PRO A 60 4.50 19.79 12.59
N VAL A 61 5.26 19.13 11.72
CA VAL A 61 5.27 17.67 11.73
C VAL A 61 5.94 17.19 13.01
N THR A 62 5.28 16.28 13.72
CA THR A 62 5.79 15.68 14.96
C THR A 62 5.71 14.17 14.83
N GLU A 63 6.14 13.48 15.90
CA GLU A 63 6.06 12.02 15.94
C GLU A 63 4.61 11.55 15.82
N ASN A 64 3.66 12.41 16.16
CA ASN A 64 2.25 12.01 16.16
C ASN A 64 1.51 12.36 14.87
N THR A 65 2.19 12.98 13.91
CA THR A 65 1.49 13.47 12.72
C THR A 65 0.99 12.32 11.87
N LEU A 66 -0.30 12.38 11.52
CA LEU A 66 -0.92 11.41 10.64
C LEU A 66 -0.91 11.93 9.21
N PHE A 67 -0.51 11.05 8.30
CA PHE A 67 -0.54 11.33 6.87
C PHE A 67 -1.48 10.35 6.18
N GLU A 68 -2.13 10.81 5.12
CA GLU A 68 -2.79 9.90 4.18
C GLU A 68 -1.75 9.13 3.38
N VAL A 69 -1.98 7.83 3.21
CA VAL A 69 -1.02 7.04 2.45
C VAL A 69 -1.59 6.49 1.16
N GLY A 70 -2.85 6.78 0.83
CA GLY A 70 -3.36 6.41 -0.48
C GLY A 70 -3.21 4.93 -0.76
N SER A 71 -2.67 4.65 -1.94
CA SER A 71 -2.55 3.27 -2.43
C SER A 71 -1.69 2.37 -1.56
N LEU A 72 -0.92 2.89 -0.58
CA LEU A 72 -0.32 1.94 0.36
C LEU A 72 -1.38 1.15 1.08
N SER A 73 -2.60 1.70 1.15
CA SER A 73 -3.70 1.02 1.81
C SER A 73 -3.98 -0.35 1.20
N LYS A 74 -3.64 -0.54 -0.07
CA LYS A 74 -3.91 -1.81 -0.74
C LYS A 74 -3.19 -2.96 -0.04
N THR A 75 -2.03 -2.70 0.55
CA THR A 75 -1.30 -3.80 1.18
C THR A 75 -2.00 -4.26 2.44
N PHE A 76 -2.83 -3.41 3.07
CA PHE A 76 -3.58 -3.85 4.23
C PHE A 76 -4.74 -4.76 3.80
N ALA A 77 -5.36 -4.46 2.67
CA ALA A 77 -6.36 -5.39 2.13
C ALA A 77 -5.73 -6.75 1.80
N ALA A 78 -4.51 -6.74 1.26
CA ALA A 78 -3.80 -8.00 0.98
C ALA A 78 -3.44 -8.75 2.26
N THR A 79 -2.97 -8.03 3.27
CA THR A 79 -2.66 -8.68 4.54
C THR A 79 -3.90 -9.33 5.12
N LEU A 80 -5.05 -8.64 5.04
CA LEU A 80 -6.30 -9.24 5.53
C LEU A 80 -6.67 -10.48 4.73
N ALA A 81 -6.54 -10.45 3.40
CA ALA A 81 -6.85 -11.62 2.60
C ALA A 81 -5.91 -12.76 2.92
N SER A 82 -4.63 -12.45 3.12
CA SER A 82 -3.67 -13.48 3.50
C SER A 82 -4.02 -14.08 4.86
N TYR A 83 -4.42 -13.23 5.82
CA TYR A 83 -4.85 -13.73 7.13
C TYR A 83 -6.02 -14.70 6.97
N ALA A 84 -7.00 -14.34 6.13
CA ALA A 84 -8.12 -15.24 5.88
C ALA A 84 -7.64 -16.55 5.26
N GLN A 85 -6.67 -16.46 4.35
CA GLN A 85 -6.15 -17.65 3.70
C GLN A 85 -5.46 -18.59 4.71
N VAL A 86 -4.57 -18.04 5.55
CA VAL A 86 -3.86 -18.92 6.47
C VAL A 86 -4.78 -19.40 7.59
N SER A 87 -5.91 -18.73 7.81
CA SER A 87 -6.91 -19.16 8.76
C SER A 87 -7.88 -20.18 8.19
N GLY A 88 -7.73 -20.56 6.93
CA GLY A 88 -8.58 -21.56 6.32
C GLY A 88 -9.94 -21.06 5.89
N LYS A 89 -10.11 -19.75 5.73
CA LYS A 89 -11.39 -19.15 5.42
C LYS A 89 -11.52 -18.75 3.96
N LEU A 90 -10.40 -18.71 3.23
CA LEU A 90 -10.34 -18.13 1.89
C LEU A 90 -9.37 -18.96 1.06
N SER A 91 -9.78 -19.36 -0.14
CA SER A 91 -8.87 -19.99 -1.11
C SER A 91 -8.66 -19.02 -2.27
N LEU A 92 -7.40 -18.64 -2.51
CA LEU A 92 -7.13 -17.62 -3.53
C LEU A 92 -7.42 -18.12 -4.94
N ASP A 93 -7.37 -19.43 -5.17
CA ASP A 93 -7.67 -19.89 -6.52
C ASP A 93 -9.17 -20.01 -6.83
N GLN A 94 -10.04 -19.93 -5.83
CA GLN A 94 -11.47 -19.93 -6.08
C GLN A 94 -11.91 -18.66 -6.80
N SER A 95 -13.06 -18.77 -7.47
CA SER A 95 -13.59 -17.64 -8.23
C SER A 95 -14.18 -16.58 -7.30
N VAL A 96 -14.20 -15.33 -7.78
CA VAL A 96 -14.86 -14.26 -7.04
C VAL A 96 -16.33 -14.60 -6.80
N SER A 97 -17.02 -15.11 -7.82
CA SER A 97 -18.43 -15.41 -7.62
C SER A 97 -18.67 -16.56 -6.63
N HIS A 98 -17.67 -17.41 -6.37
CA HIS A 98 -17.82 -18.40 -5.29
C HIS A 98 -18.07 -17.71 -3.95
N TYR A 99 -17.41 -16.59 -3.71
CA TYR A 99 -17.55 -15.84 -2.46
C TYR A 99 -18.60 -14.75 -2.53
N VAL A 100 -18.97 -14.30 -3.71
CA VAL A 100 -19.96 -13.22 -3.87
C VAL A 100 -21.11 -13.78 -4.70
N PRO A 101 -22.08 -14.45 -4.07
CA PRO A 101 -23.10 -15.18 -4.83
C PRO A 101 -23.89 -14.33 -5.82
N GLU A 102 -24.06 -13.03 -5.54
CA GLU A 102 -24.79 -12.18 -6.46
C GLU A 102 -24.09 -12.02 -7.80
N LEU A 103 -22.80 -12.36 -7.89
CA LEU A 103 -22.07 -12.30 -9.15
C LEU A 103 -22.04 -13.65 -9.86
N ARG A 104 -22.70 -14.68 -9.34
CA ARG A 104 -22.69 -15.96 -10.04
C ARG A 104 -23.39 -15.82 -11.38
N GLY A 105 -22.79 -16.38 -12.41
CA GLY A 105 -23.29 -16.25 -13.75
C GLY A 105 -22.70 -15.10 -14.54
N SER A 106 -21.91 -14.24 -13.91
CA SER A 106 -21.27 -13.13 -14.57
C SER A 106 -19.84 -13.50 -14.99
N SER A 107 -19.11 -12.50 -15.49
CA SER A 107 -17.69 -12.64 -15.76
C SER A 107 -16.89 -13.09 -14.56
N PHE A 108 -17.37 -12.84 -13.35
CA PHE A 108 -16.61 -13.20 -12.17
C PHE A 108 -16.67 -14.69 -11.87
N ASP A 109 -17.38 -15.47 -12.68
CA ASP A 109 -17.22 -16.92 -12.63
C ASP A 109 -15.84 -17.34 -13.10
N HIS A 110 -15.14 -16.50 -13.86
CA HIS A 110 -13.84 -16.84 -14.45
C HIS A 110 -12.73 -15.93 -13.95
N VAL A 111 -12.97 -15.19 -12.88
CA VAL A 111 -11.97 -14.33 -12.24
C VAL A 111 -11.67 -14.93 -10.88
N SER A 112 -10.40 -15.20 -10.58
CA SER A 112 -10.12 -15.74 -9.26
C SER A 112 -9.90 -14.63 -8.23
N VAL A 113 -9.96 -15.02 -6.95
CA VAL A 113 -9.59 -14.07 -5.91
C VAL A 113 -8.14 -13.63 -6.09
N LEU A 114 -7.27 -14.57 -6.45
CA LEU A 114 -5.88 -14.23 -6.76
C LEU A 114 -5.83 -13.17 -7.85
N ASN A 115 -6.70 -13.25 -8.86
CA ASN A 115 -6.65 -12.26 -9.92
C ASN A 115 -6.91 -10.86 -9.37
N VAL A 116 -7.90 -10.70 -8.50
CA VAL A 116 -8.13 -9.36 -7.97
C VAL A 116 -7.06 -8.98 -6.97
N GLY A 117 -6.37 -9.95 -6.36
CA GLY A 117 -5.27 -9.61 -5.47
C GLY A 117 -3.96 -9.31 -6.16
N THR A 118 -3.89 -9.48 -7.49
CA THR A 118 -2.64 -9.29 -8.23
C THR A 118 -2.84 -8.36 -9.42
N HIS A 119 -3.98 -7.66 -9.49
CA HIS A 119 -4.28 -6.73 -10.58
C HIS A 119 -4.34 -7.45 -11.93
N THR A 120 -4.76 -8.72 -11.94
CA THR A 120 -4.86 -9.44 -13.20
C THR A 120 -6.31 -9.80 -13.56
N SER A 121 -7.31 -9.15 -12.95
CA SER A 121 -8.69 -9.42 -13.38
C SER A 121 -9.05 -8.70 -14.66
N GLY A 122 -8.44 -7.56 -14.93
CA GLY A 122 -8.86 -6.71 -16.03
C GLY A 122 -9.75 -5.56 -15.65
N LEU A 123 -10.17 -5.48 -14.39
CA LEU A 123 -10.92 -4.32 -13.94
C LEU A 123 -10.08 -3.06 -14.06
N GLN A 124 -10.76 -1.93 -14.32
CA GLN A 124 -10.07 -0.69 -14.63
C GLN A 124 -9.50 -0.06 -13.35
N LEU A 125 -8.72 1.00 -13.55
CA LEU A 125 -8.04 1.64 -12.43
C LEU A 125 -9.01 2.24 -11.42
N PHE A 126 -9.95 3.07 -11.88
CA PHE A 126 -10.81 3.86 -11.01
C PHE A 126 -12.24 3.36 -10.99
N MET A 127 -12.84 3.39 -9.82
CA MET A 127 -14.27 3.15 -9.68
C MET A 127 -15.02 4.17 -10.54
N PRO A 128 -15.99 3.75 -11.35
CA PRO A 128 -16.86 4.73 -12.02
C PRO A 128 -17.40 5.74 -11.03
N GLU A 129 -17.33 7.02 -11.39
CA GLU A 129 -17.65 8.09 -10.44
C GLU A 129 -19.11 8.05 -10.01
N ASP A 130 -20.01 7.56 -10.87
CA ASP A 130 -21.43 7.54 -10.54
C ASP A 130 -21.82 6.46 -9.55
N ILE A 131 -20.93 5.51 -9.22
CA ILE A 131 -21.29 4.40 -8.35
C ILE A 131 -21.17 4.87 -6.90
N LYS A 132 -22.31 4.96 -6.22
CA LYS A 132 -22.38 5.47 -4.85
C LYS A 132 -22.71 4.42 -3.81
N ASN A 133 -23.46 3.37 -4.16
CA ASN A 133 -23.94 2.41 -3.19
C ASN A 133 -23.72 1.00 -3.72
N THR A 134 -24.01 0.03 -2.86
CA THR A 134 -23.77 -1.37 -3.19
C THR A 134 -24.64 -1.84 -4.34
N THR A 135 -25.87 -1.32 -4.45
CA THR A 135 -26.74 -1.73 -5.54
C THR A 135 -26.16 -1.33 -6.89
N GLN A 136 -25.68 -0.09 -6.98
CA GLN A 136 -25.03 0.37 -8.20
C GLN A 136 -23.75 -0.41 -8.48
N LEU A 137 -22.97 -0.69 -7.43
CA LEU A 137 -21.73 -1.45 -7.61
C LEU A 137 -22.02 -2.83 -8.18
N MET A 138 -23.01 -3.53 -7.63
CA MET A 138 -23.29 -4.89 -8.09
C MET A 138 -23.82 -4.88 -9.51
N ALA A 139 -24.62 -3.88 -9.88
CA ALA A 139 -25.12 -3.81 -11.25
C ALA A 139 -23.97 -3.64 -12.23
N TYR A 140 -22.99 -2.81 -11.87
CA TYR A 140 -21.81 -2.62 -12.71
C TYR A 140 -21.03 -3.92 -12.84
N LEU A 141 -20.74 -4.57 -11.71
CA LEU A 141 -19.94 -5.79 -11.77
C LEU A 141 -20.65 -6.91 -12.52
N LYS A 142 -21.99 -7.00 -12.41
CA LYS A 142 -22.70 -8.06 -13.14
C LYS A 142 -22.68 -7.84 -14.64
N ALA A 143 -22.53 -6.61 -15.09
CA ALA A 143 -22.52 -6.27 -16.50
C ALA A 143 -21.11 -6.19 -17.08
N TRP A 144 -20.08 -6.24 -16.22
CA TRP A 144 -18.72 -6.00 -16.67
C TRP A 144 -18.16 -7.21 -17.42
N LYS A 145 -17.35 -6.93 -18.45
CA LYS A 145 -16.61 -7.99 -19.14
C LYS A 145 -15.20 -7.46 -19.40
N PRO A 146 -14.15 -8.22 -19.11
CA PRO A 146 -12.80 -7.75 -19.38
C PRO A 146 -12.47 -7.80 -20.87
N ALA A 147 -11.50 -6.96 -21.27
CA ALA A 147 -11.09 -6.94 -22.66
C ALA A 147 -10.24 -8.17 -23.01
N ASP A 148 -9.51 -8.72 -22.04
CA ASP A 148 -8.73 -9.93 -22.19
C ASP A 148 -9.16 -10.92 -21.12
N ALA A 149 -8.79 -12.17 -21.29
CA ALA A 149 -9.15 -13.15 -20.27
C ALA A 149 -8.42 -12.84 -18.96
N ALA A 150 -9.13 -13.02 -17.85
CA ALA A 150 -8.51 -12.83 -16.56
C ALA A 150 -7.27 -13.71 -16.43
N GLY A 151 -6.19 -13.14 -15.90
CA GLY A 151 -4.94 -13.85 -15.77
C GLY A 151 -3.94 -13.62 -16.87
N THR A 152 -4.25 -12.78 -17.87
CA THR A 152 -3.32 -12.61 -18.98
C THR A 152 -2.60 -11.27 -18.98
N HIS A 153 -3.21 -10.25 -18.37
CA HIS A 153 -2.64 -8.91 -18.36
C HIS A 153 -2.75 -8.33 -16.96
N ARG A 154 -1.89 -7.35 -16.70
CA ARG A 154 -1.90 -6.63 -15.44
C ARG A 154 -2.45 -5.24 -15.69
N VAL A 155 -3.52 -4.89 -14.99
CA VAL A 155 -4.09 -3.56 -14.97
C VAL A 155 -4.29 -3.22 -13.50
N TYR A 156 -3.47 -2.30 -12.99
CA TYR A 156 -3.60 -1.88 -11.60
C TYR A 156 -5.01 -1.35 -11.37
N SER A 157 -5.66 -1.82 -10.31
CA SER A 157 -7.10 -1.55 -10.14
C SER A 157 -7.49 -1.27 -8.70
N ASN A 158 -8.14 -0.12 -8.46
CA ASN A 158 -8.78 0.10 -7.16
C ASN A 158 -10.00 -0.79 -6.97
N ILE A 159 -10.69 -1.12 -8.07
CA ILE A 159 -11.92 -1.90 -7.95
C ILE A 159 -11.58 -3.34 -7.57
N GLY A 160 -10.57 -3.91 -8.22
CA GLY A 160 -10.11 -5.24 -7.82
C GLY A 160 -9.66 -5.30 -6.37
N THR A 161 -8.89 -4.29 -5.94
CA THR A 161 -8.45 -4.23 -4.54
C THR A 161 -9.64 -4.17 -3.61
N GLY A 162 -10.66 -3.39 -3.99
CA GLY A 162 -11.86 -3.30 -3.18
C GLY A 162 -12.52 -4.64 -2.99
N LEU A 163 -12.61 -5.43 -4.08
CA LEU A 163 -13.20 -6.75 -4.00
C LEU A 163 -12.37 -7.68 -3.13
N LEU A 164 -11.04 -7.59 -3.23
CA LEU A 164 -10.16 -8.42 -2.41
C LEU A 164 -10.43 -8.18 -0.93
N GLY A 165 -10.50 -6.91 -0.52
CA GLY A 165 -10.75 -6.62 0.89
C GLY A 165 -12.14 -7.00 1.35
N MET A 166 -13.14 -6.72 0.51
CA MET A 166 -14.54 -7.06 0.81
C MET A 166 -14.69 -8.56 1.04
N ILE A 167 -14.12 -9.36 0.13
CA ILE A 167 -14.18 -10.82 0.21
C ILE A 167 -13.45 -11.33 1.44
N ALA A 168 -12.25 -10.81 1.70
CA ALA A 168 -11.49 -11.21 2.88
C ALA A 168 -12.28 -10.92 4.14
N ALA A 169 -12.84 -9.72 4.26
CA ALA A 169 -13.57 -9.38 5.48
C ALA A 169 -14.77 -10.30 5.68
N LYS A 170 -15.56 -10.49 4.61
CA LYS A 170 -16.74 -11.34 4.75
C LYS A 170 -16.36 -12.76 5.15
N SER A 171 -15.22 -13.25 4.65
CA SER A 171 -14.84 -14.62 4.98
C SER A 171 -14.47 -14.74 6.45
N LEU A 172 -14.10 -13.63 7.07
CA LEU A 172 -13.75 -13.56 8.48
C LEU A 172 -14.93 -13.16 9.35
N GLY A 173 -16.10 -12.93 8.75
CA GLY A 173 -17.32 -12.65 9.47
C GLY A 173 -17.52 -11.22 9.92
N VAL A 174 -16.80 -10.26 9.36
CA VAL A 174 -16.85 -8.88 9.84
C VAL A 174 -16.86 -7.93 8.65
N SER A 175 -17.22 -6.67 8.91
CA SER A 175 -17.03 -5.62 7.91
C SER A 175 -15.54 -5.34 7.74
N TYR A 176 -15.19 -4.76 6.58
CA TYR A 176 -13.79 -4.43 6.33
C TYR A 176 -13.28 -3.44 7.37
N GLU A 177 -14.10 -2.45 7.71
CA GLU A 177 -13.73 -1.46 8.71
C GLU A 177 -13.43 -2.09 10.06
N ASP A 178 -14.30 -3.01 10.51
CA ASP A 178 -14.01 -3.74 11.75
C ASP A 178 -12.80 -4.63 11.62
N ALA A 179 -12.64 -5.30 10.46
CA ALA A 179 -11.48 -6.16 10.28
C ALA A 179 -10.20 -5.38 10.46
N ILE A 180 -10.13 -4.17 9.88
CA ILE A 180 -8.89 -3.42 9.94
C ILE A 180 -8.72 -2.74 11.29
N GLU A 181 -9.77 -2.03 11.76
CA GLU A 181 -9.56 -1.19 12.94
C GLU A 181 -9.69 -1.96 14.25
N LYS A 182 -10.44 -3.05 14.27
CA LYS A 182 -10.62 -3.83 15.50
C LYS A 182 -9.73 -5.05 15.58
N THR A 183 -9.24 -5.59 14.46
CA THR A 183 -8.37 -6.76 14.53
C THR A 183 -6.98 -6.51 13.96
N LEU A 184 -6.86 -6.15 12.67
CA LEU A 184 -5.55 -6.15 12.04
C LEU A 184 -4.60 -5.12 12.65
N LEU A 185 -5.00 -3.85 12.63
CA LEU A 185 -4.10 -2.82 13.15
C LEU A 185 -3.81 -3.03 14.62
N PRO A 186 -4.78 -3.33 15.49
CA PRO A 186 -4.42 -3.59 16.89
C PRO A 186 -3.44 -4.73 17.07
N GLN A 187 -3.60 -5.83 16.31
CA GLN A 187 -2.72 -6.98 16.48
C GLN A 187 -1.32 -6.71 15.95
N LEU A 188 -1.19 -5.76 15.01
CA LEU A 188 0.13 -5.31 14.58
C LEU A 188 0.73 -4.25 15.48
N GLY A 189 0.03 -3.82 16.53
CA GLY A 189 0.56 -2.77 17.38
C GLY A 189 0.53 -1.39 16.76
N MET A 190 -0.33 -1.18 15.77
CA MET A 190 -0.40 0.08 15.04
C MET A 190 -1.57 0.88 15.60
N HIS A 191 -1.33 1.49 16.76
CA HIS A 191 -2.39 2.12 17.53
C HIS A 191 -2.70 3.53 17.07
N HIS A 192 -1.90 4.10 16.18
CA HIS A 192 -2.13 5.42 15.61
C HIS A 192 -2.24 5.31 14.10
N SER A 193 -2.99 4.31 13.68
CA SER A 193 -3.34 4.06 12.29
C SER A 193 -4.85 3.89 12.22
N TYR A 194 -5.48 4.50 11.22
CA TYR A 194 -6.93 4.60 11.20
C TYR A 194 -7.47 4.56 9.79
N LEU A 195 -8.71 4.06 9.65
CA LEU A 195 -9.51 4.39 8.48
C LEU A 195 -10.33 5.64 8.70
N LYS A 196 -10.76 5.87 9.95
CA LYS A 196 -11.49 7.07 10.34
C LYS A 196 -10.78 7.67 11.55
N VAL A 197 -10.22 8.85 11.38
CA VAL A 197 -9.42 9.47 12.45
C VAL A 197 -10.36 9.91 13.56
N PRO A 198 -10.10 9.54 14.80
CA PRO A 198 -10.98 9.93 15.90
C PRO A 198 -10.75 11.37 16.33
N ALA A 199 -11.68 11.87 17.16
CA ALA A 199 -11.69 13.30 17.48
C ALA A 199 -10.42 13.77 18.19
N ASP A 200 -9.84 12.91 19.06
CA ASP A 200 -8.65 13.24 19.85
C ASP A 200 -7.38 13.22 19.00
N GLN A 201 -7.47 12.74 17.75
CA GLN A 201 -6.33 12.73 16.86
C GLN A 201 -6.46 13.70 15.71
N MET A 202 -7.59 14.42 15.60
CA MET A 202 -7.76 15.33 14.49
C MET A 202 -6.71 16.43 14.48
N GLU A 203 -6.24 16.84 15.67
CA GLU A 203 -5.21 17.87 15.76
C GLU A 203 -3.89 17.39 15.16
N ASN A 204 -3.71 16.07 15.03
CA ASN A 204 -2.50 15.48 14.49
C ASN A 204 -2.62 15.12 13.03
N TYR A 205 -3.80 15.25 12.45
CA TYR A 205 -4.02 14.85 11.07
C TYR A 205 -3.56 15.97 10.14
N ALA A 206 -2.41 15.77 9.51
CA ALA A 206 -1.89 16.77 8.59
C ALA A 206 -2.91 17.10 7.51
N TRP A 207 -2.85 18.34 7.03
CA TRP A 207 -3.54 18.71 5.80
C TRP A 207 -2.67 18.36 4.59
N GLY A 208 -3.31 17.87 3.54
CA GLY A 208 -2.64 17.69 2.26
C GLY A 208 -2.76 18.95 1.45
N TYR A 209 -1.78 19.19 0.57
CA TYR A 209 -1.78 20.39 -0.28
C TYR A 209 -1.79 19.94 -1.74
N ASN A 210 -2.87 20.29 -2.46
CA ASN A 210 -3.09 19.78 -3.80
C ASN A 210 -2.28 20.60 -4.81
N LYS A 211 -2.54 20.38 -6.10
CA LYS A 211 -1.77 21.04 -7.16
C LYS A 211 -1.94 22.55 -7.14
N LYS A 212 -3.04 23.04 -6.61
CA LYS A 212 -3.28 24.47 -6.47
C LYS A 212 -2.91 24.95 -5.09
N ASP A 213 -2.22 24.12 -4.31
CA ASP A 213 -1.75 24.44 -2.96
C ASP A 213 -2.89 24.70 -1.97
N GLU A 214 -4.06 24.11 -2.22
CA GLU A 214 -5.21 24.17 -1.32
C GLU A 214 -5.15 23.02 -0.31
N PRO A 215 -5.50 23.27 0.95
CA PRO A 215 -5.50 22.18 1.96
C PRO A 215 -6.68 21.24 1.77
N VAL A 216 -6.38 19.94 1.69
CA VAL A 216 -7.42 18.95 1.38
C VAL A 216 -7.21 17.68 2.19
N HIS A 217 -8.32 17.01 2.48
CA HIS A 217 -8.36 15.66 3.03
C HIS A 217 -9.13 14.75 2.09
N VAL A 218 -8.74 13.47 2.07
CA VAL A 218 -9.32 12.53 1.11
C VAL A 218 -10.79 12.27 1.42
N ASN A 219 -11.58 12.22 0.35
CA ASN A 219 -13.01 11.90 0.38
C ASN A 219 -13.18 10.40 0.21
N MET A 220 -13.78 9.75 1.20
CA MET A 220 -13.92 8.29 1.22
C MET A 220 -15.21 7.88 0.53
N GLU A 221 -15.09 7.18 -0.59
CA GLU A 221 -16.23 6.70 -1.37
C GLU A 221 -16.29 5.16 -1.30
N ILE A 222 -17.18 4.57 -2.11
CA ILE A 222 -17.47 3.15 -1.95
C ILE A 222 -16.24 2.30 -2.25
N LEU A 223 -16.00 1.31 -1.39
CA LEU A 223 -14.81 0.45 -1.44
C LEU A 223 -13.51 1.25 -1.34
N GLY A 224 -13.61 2.49 -0.82
CA GLY A 224 -12.44 3.32 -0.70
C GLY A 224 -11.52 2.93 0.43
N ASN A 225 -12.08 2.42 1.53
CA ASN A 225 -11.20 2.05 2.64
C ASN A 225 -10.20 1.01 2.21
N GLU A 226 -10.65 0.05 1.39
CA GLU A 226 -9.79 -1.03 0.94
C GLU A 226 -8.63 -0.50 0.10
N ALA A 227 -8.92 0.47 -0.77
CA ALA A 227 -7.95 0.91 -1.77
C ALA A 227 -7.10 2.09 -1.32
N TYR A 228 -7.66 3.04 -0.53
CA TYR A 228 -6.90 4.26 -0.24
C TYR A 228 -7.26 4.89 1.11
N GLY A 229 -7.78 4.11 2.07
CA GLY A 229 -8.34 4.73 3.27
C GLY A 229 -7.43 4.96 4.48
N ILE A 230 -6.19 4.48 4.48
CA ILE A 230 -5.39 4.48 5.71
C ILE A 230 -4.76 5.86 5.97
N LYS A 231 -4.85 6.32 7.23
CA LYS A 231 -4.10 7.47 7.74
C LYS A 231 -3.23 6.95 8.87
N THR A 232 -1.95 7.32 8.88
CA THR A 232 -1.04 6.67 9.84
C THR A 232 0.17 7.56 10.11
N THR A 233 0.89 7.24 11.17
CA THR A 233 2.19 7.90 11.40
C THR A 233 3.31 7.11 10.73
N SER A 234 4.43 7.81 10.52
CA SER A 234 5.59 7.11 9.99
C SER A 234 6.09 6.04 10.96
N SER A 235 5.94 6.27 12.28
CA SER A 235 6.35 5.27 13.26
C SER A 235 5.51 4.00 13.15
N ASP A 236 4.19 4.16 13.00
CA ASP A 236 3.36 2.96 12.83
C ASP A 236 3.69 2.22 11.55
N LEU A 237 3.95 2.96 10.45
CA LEU A 237 4.29 2.27 9.21
C LEU A 237 5.65 1.60 9.29
N LEU A 238 6.59 2.18 10.04
CA LEU A 238 7.86 1.48 10.22
C LEU A 238 7.67 0.20 11.02
N ARG A 239 6.75 0.18 11.99
CA ARG A 239 6.41 -1.06 12.68
C ARG A 239 5.86 -2.09 11.70
N TYR A 240 5.04 -1.64 10.74
CA TYR A 240 4.49 -2.52 9.73
C TYR A 240 5.59 -3.11 8.85
N VAL A 241 6.57 -2.28 8.49
CA VAL A 241 7.73 -2.77 7.73
C VAL A 241 8.51 -3.80 8.54
N GLN A 242 8.76 -3.51 9.83
CA GLN A 242 9.49 -4.46 10.67
C GLN A 242 8.73 -5.77 10.82
N ALA A 243 7.41 -5.69 10.97
CA ALA A 243 6.60 -6.90 11.06
C ALA A 243 6.70 -7.70 9.76
N ASN A 244 6.75 -7.02 8.61
CA ASN A 244 6.89 -7.71 7.34
C ASN A 244 8.24 -8.37 7.18
N MET A 245 9.23 -7.99 7.99
CA MET A 245 10.54 -8.61 8.00
C MET A 245 10.73 -9.52 9.20
N GLY A 246 9.65 -9.85 9.89
CA GLY A 246 9.73 -10.81 10.99
C GLY A 246 10.52 -10.34 12.19
N GLN A 247 10.68 -9.04 12.36
CA GLN A 247 11.57 -8.55 13.42
C GLN A 247 10.87 -8.36 14.76
N LEU A 248 9.56 -8.50 14.83
CA LEU A 248 8.80 -8.19 16.03
C LEU A 248 8.06 -9.41 16.53
N LYS A 249 7.84 -9.45 17.86
CA LYS A 249 7.15 -10.59 18.46
C LYS A 249 5.68 -10.64 18.06
N LEU A 250 5.01 -9.49 18.03
CA LEU A 250 3.56 -9.39 17.75
C LEU A 250 2.73 -10.07 18.84
N ALA A 254 0.50 -16.85 15.97
CA ALA A 254 1.50 -17.00 14.92
C ALA A 254 0.88 -16.76 13.55
N LYS A 255 -0.46 -16.73 13.51
CA LYS A 255 -1.13 -16.56 12.22
C LYS A 255 -0.84 -15.21 11.60
N MET A 256 -0.69 -14.17 12.41
CA MET A 256 -0.42 -12.84 11.85
C MET A 256 0.92 -12.79 11.14
N GLN A 257 1.97 -13.37 11.73
CA GLN A 257 3.26 -13.37 11.05
C GLN A 257 3.18 -14.17 9.75
N GLN A 258 2.52 -15.33 9.79
CA GLN A 258 2.34 -16.13 8.58
C GLN A 258 1.61 -15.32 7.52
N ALA A 259 0.58 -14.57 7.92
CA ALA A 259 -0.18 -13.80 6.93
C ALA A 259 0.69 -12.71 6.29
N LEU A 260 1.40 -11.95 7.12
CA LEU A 260 2.27 -10.91 6.58
C LEU A 260 3.26 -11.47 5.57
N THR A 261 3.97 -12.52 5.96
CA THR A 261 5.01 -13.10 5.11
C THR A 261 4.42 -13.61 3.81
N ALA A 262 3.25 -14.25 3.87
CA ALA A 262 2.66 -14.84 2.68
C ALA A 262 2.21 -13.81 1.66
N THR A 263 2.02 -12.55 2.07
CA THR A 263 1.70 -11.54 1.05
C THR A 263 2.85 -11.30 0.09
N HIS A 264 4.08 -11.71 0.45
CA HIS A 264 5.24 -11.53 -0.40
C HIS A 264 5.41 -12.65 -1.41
N THR A 265 4.49 -13.60 -1.48
CA THR A 265 4.54 -14.65 -2.47
C THR A 265 4.41 -14.06 -3.86
N GLY A 266 5.28 -14.51 -4.78
CA GLY A 266 5.32 -13.94 -6.12
C GLY A 266 4.45 -14.74 -7.06
N TYR A 267 3.46 -14.09 -7.67
CA TYR A 267 2.44 -14.76 -8.47
C TYR A 267 2.50 -14.50 -9.95
N PHE A 268 2.97 -13.32 -10.37
CA PHE A 268 3.04 -12.98 -11.78
C PHE A 268 4.30 -12.16 -12.03
N LYS A 269 4.82 -12.29 -13.24
CA LYS A 269 5.89 -11.45 -13.73
C LYS A 269 5.25 -10.45 -14.67
N SER A 270 5.65 -9.18 -14.58
CA SER A 270 5.19 -8.21 -15.57
C SER A 270 6.24 -7.13 -15.71
N GLY A 271 6.77 -6.95 -16.92
CA GLY A 271 7.86 -5.99 -17.06
C GLY A 271 9.02 -6.34 -16.14
N GLU A 272 9.47 -5.34 -15.38
CA GLU A 272 10.60 -5.50 -14.48
C GLU A 272 10.23 -6.07 -13.12
N ILE A 273 8.95 -6.17 -12.80
CA ILE A 273 8.53 -6.49 -11.44
C ILE A 273 7.99 -7.91 -11.35
N THR A 274 7.99 -8.39 -10.11
CA THR A 274 7.21 -9.55 -9.69
C THR A 274 6.04 -9.02 -8.88
N GLN A 275 4.85 -9.40 -9.27
CA GLN A 275 3.65 -8.97 -8.57
C GLN A 275 3.33 -9.98 -7.48
N ASP A 276 3.31 -9.52 -6.22
CA ASP A 276 2.96 -10.34 -5.07
C ASP A 276 1.49 -10.08 -4.77
N LEU A 277 1.05 -10.33 -3.53
CA LEU A 277 -0.34 -9.98 -3.17
C LEU A 277 -0.28 -8.51 -2.79
N MET A 278 -0.63 -7.66 -3.76
CA MET A 278 -0.51 -6.20 -3.73
C MET A 278 0.92 -5.66 -3.63
N TRP A 279 1.77 -6.17 -2.75
CA TRP A 279 3.18 -5.78 -2.82
C TRP A 279 3.76 -6.08 -4.19
N GLU A 280 4.78 -5.33 -4.56
CA GLU A 280 5.55 -5.53 -5.78
C GLU A 280 7.02 -5.67 -5.42
N GLN A 281 7.74 -6.51 -6.14
CA GLN A 281 9.16 -6.69 -5.76
C GLN A 281 10.06 -6.76 -6.99
N LEU A 282 11.30 -6.39 -6.76
CA LEU A 282 12.37 -6.33 -7.74
C LEU A 282 13.56 -7.11 -7.24
N PRO A 283 14.46 -7.52 -8.12
CA PRO A 283 15.65 -8.24 -7.67
C PRO A 283 16.54 -7.31 -6.84
N TYR A 284 17.20 -7.91 -5.85
CA TYR A 284 18.21 -7.21 -5.08
C TYR A 284 19.55 -7.90 -5.28
N PRO A 285 20.63 -7.17 -5.55
CA PRO A 285 20.82 -5.72 -5.60
C PRO A 285 20.00 -5.10 -6.70
N VAL A 286 19.50 -3.92 -6.43
CA VAL A 286 18.49 -3.29 -7.27
C VAL A 286 19.17 -2.35 -8.23
N SER A 287 18.73 -2.40 -9.49
CA SER A 287 19.07 -1.43 -10.52
C SER A 287 18.15 -0.22 -10.39
N LEU A 288 18.70 0.98 -10.23
CA LEU A 288 17.82 2.16 -10.15
C LEU A 288 17.02 2.34 -11.43
N PRO A 289 17.60 2.20 -12.64
CA PRO A 289 16.75 2.24 -13.84
C PRO A 289 15.59 1.26 -13.80
N ASN A 290 15.82 0.02 -13.37
CA ASN A 290 14.73 -0.94 -13.36
C ASN A 290 13.73 -0.63 -12.26
N LEU A 291 14.19 -0.06 -11.14
CA LEU A 291 13.27 0.33 -10.07
C LEU A 291 12.36 1.46 -10.52
N LEU A 292 12.90 2.42 -11.30
CA LEU A 292 12.07 3.49 -11.84
C LEU A 292 11.06 2.95 -12.84
N THR A 293 11.48 2.05 -13.72
CA THR A 293 10.55 1.46 -14.68
C THR A 293 9.47 0.67 -13.98
N GLY A 294 9.86 -0.10 -12.97
CA GLY A 294 8.91 -0.90 -12.22
C GLY A 294 7.93 -0.09 -11.42
N ASN A 295 8.24 1.18 -11.15
CA ASN A 295 7.31 2.05 -10.42
C ASN A 295 6.60 3.01 -11.35
N ASP A 296 6.57 2.70 -12.64
CA ASP A 296 5.78 3.45 -13.61
C ASP A 296 4.81 2.51 -14.32
N MET A 297 4.02 1.77 -13.54
CA MET A 297 3.12 0.76 -14.11
C MET A 297 1.68 0.92 -13.63
N ALA A 298 1.33 2.07 -13.07
CA ALA A 298 0.00 2.15 -12.46
C ALA A 298 -1.12 2.41 -13.45
N MET A 299 -0.84 2.99 -14.62
CA MET A 299 -1.93 3.48 -15.44
C MET A 299 -2.04 2.82 -16.79
N THR A 300 -1.15 1.90 -17.12
CA THR A 300 -1.17 1.20 -18.40
C THR A 300 -1.32 -0.30 -18.20
N LYS A 301 -1.86 -0.95 -19.22
CA LYS A 301 -1.93 -2.40 -19.26
C LYS A 301 -0.59 -2.99 -19.67
N SER A 302 -0.21 -4.08 -19.04
CA SER A 302 0.99 -4.82 -19.41
C SER A 302 0.67 -6.31 -19.48
N VAL A 303 1.51 -7.05 -20.20
CA VAL A 303 1.37 -8.50 -20.22
C VAL A 303 1.80 -9.08 -18.87
N ALA A 304 1.06 -10.08 -18.40
CA ALA A 304 1.35 -10.74 -17.13
C ALA A 304 1.59 -12.23 -17.40
N THR A 305 2.66 -12.76 -16.82
CA THR A 305 2.99 -14.16 -16.98
C THR A 305 2.97 -14.84 -15.62
N PRO A 306 2.21 -15.93 -15.45
CA PRO A 306 2.11 -16.56 -14.14
C PRO A 306 3.42 -17.18 -13.70
N ILE A 307 3.64 -17.16 -12.39
CA ILE A 307 4.71 -17.91 -11.73
C ILE A 307 4.04 -19.08 -11.03
N VAL A 308 4.20 -20.30 -11.57
CA VAL A 308 3.51 -21.46 -11.00
C VAL A 308 4.48 -22.65 -11.00
N PRO A 309 4.83 -23.23 -9.85
CA PRO A 309 4.42 -22.81 -8.51
C PRO A 309 4.81 -21.38 -8.17
N PRO A 310 4.02 -20.73 -7.33
CA PRO A 310 4.36 -19.36 -6.94
C PRO A 310 5.74 -19.31 -6.30
N LEU A 311 6.39 -18.18 -6.45
CA LEU A 311 7.68 -17.95 -5.81
C LEU A 311 7.45 -17.76 -4.31
N PRO A 312 8.04 -18.57 -3.45
CA PRO A 312 7.90 -18.33 -2.02
C PRO A 312 8.40 -16.95 -1.66
N PRO A 313 7.90 -16.37 -0.57
CA PRO A 313 8.49 -15.15 0.00
C PRO A 313 10.00 -15.23 0.08
N GLN A 314 10.68 -14.19 -0.38
CA GLN A 314 12.14 -14.21 -0.50
C GLN A 314 12.78 -13.20 0.43
N GLU A 315 14.05 -13.45 0.75
CA GLU A 315 14.87 -12.45 1.46
C GLU A 315 15.59 -11.53 0.49
N ASN A 316 16.12 -12.08 -0.60
CA ASN A 316 17.03 -11.33 -1.48
C ASN A 316 16.27 -10.57 -2.56
N VAL A 317 15.40 -9.65 -2.10
CA VAL A 317 14.54 -8.88 -3.00
C VAL A 317 14.31 -7.51 -2.39
N TRP A 318 13.90 -6.58 -3.26
CA TRP A 318 13.49 -5.22 -2.88
C TRP A 318 11.97 -5.19 -2.99
N ILE A 319 11.28 -5.07 -1.86
CA ILE A 319 9.80 -5.08 -1.84
C ILE A 319 9.33 -3.66 -1.63
N ASN A 320 8.34 -3.22 -2.42
CA ASN A 320 7.93 -1.82 -2.29
C ASN A 320 6.49 -1.57 -2.69
N LYS A 321 6.01 -0.37 -2.31
CA LYS A 321 4.69 0.10 -2.70
C LYS A 321 4.68 1.62 -2.65
N THR A 322 4.05 2.22 -3.67
CA THR A 322 3.82 3.66 -3.69
C THR A 322 2.38 3.97 -3.29
N GLY A 323 2.15 5.19 -2.81
CA GLY A 323 0.78 5.64 -2.62
C GLY A 323 0.67 7.13 -2.68
N SER A 324 -0.49 7.62 -3.07
CA SER A 324 -0.71 9.07 -3.11
C SER A 324 -2.19 9.34 -2.95
N THR A 325 -2.51 10.57 -2.58
CA THR A 325 -3.87 11.09 -2.71
C THR A 325 -3.74 12.45 -3.37
N ASN A 326 -4.85 13.19 -3.49
CA ASN A 326 -4.68 14.51 -4.12
C ASN A 326 -3.77 15.41 -3.29
N GLY A 327 -3.60 15.13 -2.00
CA GLY A 327 -2.84 16.01 -1.13
C GLY A 327 -1.58 15.40 -0.54
N PHE A 328 -1.28 14.13 -0.84
CA PHE A 328 -0.22 13.41 -0.16
C PHE A 328 0.56 12.50 -1.10
N GLY A 329 1.81 12.25 -0.73
CA GLY A 329 2.61 11.27 -1.45
C GLY A 329 3.42 10.41 -0.51
N ALA A 330 3.44 9.09 -0.72
CA ALA A 330 4.02 8.13 0.23
C ALA A 330 4.78 7.06 -0.53
N TYR A 331 5.76 6.45 0.14
CA TYR A 331 6.50 5.31 -0.43
C TYR A 331 7.04 4.44 0.70
N ILE A 332 7.01 3.11 0.50
CA ILE A 332 7.62 2.15 1.41
C ILE A 332 8.51 1.24 0.58
N ALA A 333 9.74 0.99 1.06
CA ALA A 333 10.58 -0.04 0.46
C ALA A 333 11.35 -0.76 1.55
N PHE A 334 11.60 -2.06 1.36
CA PHE A 334 12.41 -2.78 2.33
C PHE A 334 13.05 -3.99 1.66
N VAL A 335 14.18 -4.39 2.23
CA VAL A 335 14.98 -5.51 1.74
C VAL A 335 15.17 -6.49 2.89
N PRO A 336 14.39 -7.58 2.92
CA PRO A 336 14.44 -8.45 4.10
C PRO A 336 15.83 -9.03 4.39
N ALA A 337 16.59 -9.39 3.35
CA ALA A 337 17.94 -9.94 3.55
C ALA A 337 18.84 -8.99 4.33
N LYS A 338 18.62 -7.69 4.21
CA LYS A 338 19.45 -6.71 4.89
C LYS A 338 18.77 -6.10 6.11
N LYS A 339 17.57 -6.59 6.46
CA LYS A 339 16.73 -6.06 7.53
C LYS A 339 16.73 -4.54 7.53
N MET A 340 16.49 -3.98 6.34
CA MET A 340 16.49 -2.53 6.22
C MET A 340 15.25 -2.10 5.48
N GLY A 341 14.73 -0.94 5.87
CA GLY A 341 13.54 -0.46 5.21
C GLY A 341 13.36 1.03 5.40
N ILE A 342 12.47 1.61 4.60
CA ILE A 342 12.24 3.04 4.65
C ILE A 342 10.77 3.35 4.41
N VAL A 343 10.28 4.37 5.11
CA VAL A 343 8.96 4.93 4.92
C VAL A 343 9.16 6.42 4.65
N MET A 344 8.57 6.93 3.57
CA MET A 344 8.64 8.36 3.28
C MET A 344 7.21 8.87 3.13
N LEU A 345 6.83 9.84 3.97
CA LEU A 345 5.49 10.41 3.96
C LEU A 345 5.56 11.91 3.72
N ALA A 346 4.70 12.43 2.85
CA ALA A 346 4.67 13.86 2.55
C ALA A 346 3.25 14.34 2.39
N ASN A 347 3.02 15.60 2.77
CA ASN A 347 1.68 16.20 2.58
C ASN A 347 1.63 17.09 1.33
N LYS A 348 2.30 16.61 0.29
CA LYS A 348 2.08 17.04 -1.08
C LYS A 348 2.40 15.84 -1.98
N ASN A 349 1.62 15.67 -3.03
CA ASN A 349 1.85 14.59 -3.98
C ASN A 349 2.94 15.07 -4.94
N TYR A 350 4.12 14.47 -4.87
CA TYR A 350 5.21 14.77 -5.79
C TYR A 350 5.59 13.47 -6.50
N SER A 351 6.37 13.60 -7.58
CA SER A 351 6.49 12.50 -8.53
C SER A 351 7.15 11.24 -7.95
N ILE A 352 6.63 10.08 -8.39
CA ILE A 352 7.09 8.79 -7.91
C ILE A 352 8.58 8.62 -8.18
N ASP A 353 9.06 9.08 -9.35
CA ASP A 353 10.48 8.90 -9.65
C ASP A 353 11.36 9.56 -8.59
N GLN A 354 10.91 10.70 -8.05
CA GLN A 354 11.70 11.34 -7.00
C GLN A 354 11.63 10.56 -5.71
N ARG A 355 10.44 10.06 -5.33
CA ARG A 355 10.34 9.27 -4.11
C ARG A 355 11.30 8.09 -4.16
N VAL A 356 11.24 7.35 -5.28
CA VAL A 356 11.99 6.11 -5.41
C VAL A 356 13.49 6.41 -5.45
N THR A 357 13.87 7.50 -6.11
CA THR A 357 15.29 7.83 -6.18
C THR A 357 15.85 8.20 -4.82
N VAL A 358 15.12 9.02 -4.05
CA VAL A 358 15.57 9.36 -2.71
C VAL A 358 15.67 8.11 -1.84
N ALA A 359 14.66 7.22 -1.90
CA ALA A 359 14.72 6.01 -1.11
C ALA A 359 15.90 5.13 -1.51
N TYR A 360 16.15 5.00 -2.81
CA TYR A 360 17.28 4.21 -3.27
C TYR A 360 18.59 4.78 -2.74
N LYS A 361 18.73 6.11 -2.78
CA LYS A 361 19.95 6.74 -2.29
C LYS A 361 20.13 6.54 -0.78
N ILE A 362 19.04 6.64 -0.01
CA ILE A 362 19.17 6.45 1.45
C ILE A 362 19.55 5.00 1.76
N LEU A 363 18.81 4.03 1.23
CA LEU A 363 19.14 2.64 1.58
C LEU A 363 20.51 2.23 1.03
N SER A 364 20.91 2.76 -0.13
CA SER A 364 22.23 2.44 -0.66
C SER A 364 23.35 2.99 0.22
N SER A 365 23.09 4.07 0.95
CA SER A 365 24.12 4.63 1.83
C SER A 365 24.40 3.77 3.06
N LEU A 366 23.52 2.81 3.39
CA LEU A 366 23.64 2.06 4.63
C LEU A 366 24.58 0.86 4.51
#